data_6TP2
#
_entry.id   6TP2
#
_cell.length_a   82.940
_cell.length_b   82.940
_cell.length_c   187.200
_cell.angle_alpha   90.000
_cell.angle_beta   90.000
_cell.angle_gamma   90.000
#
_symmetry.space_group_name_H-M   'P 43 21 2'
#
loop_
_entity.id
_entity.type
_entity.pdbx_description
1 polymer Amylase
2 branched Cycloheptakis-(1-4)-(alpha-D-glucopyranose)
3 non-polymer 'CALCIUM ION'
4 non-polymer 'SODIUM ION'
5 non-polymer 'MALONATE ION'
6 water water
#
_entity_poly.entity_id   1
_entity_poly.type   'polypeptide(L)'
_entity_poly.pdbx_seq_one_letter_code
;ASLNGTLMQYFEWYMPNDGQHWKRLQNDSAYLAEHGITAVWIPPAYKGTSQDDVGYGAYDLYDLGEFHQKGTVRTKYGTK
GELQSAINSLHSRDINVYGDVVINHKGGADATEYVTAVEVDPADRNRVTSGEQRIKAWTHFQFPGRGSTYSDFKWYWYHF
DGTDWDESRKLNRIYKFQGKAWDWEVSNENGNYDYLMYADIDYDHPDVTAEIKRWGTWYANELQLDGFRLDAVKHIKFSF
LRDWVNHVREKTGKEMFTVAEYWQNDLGALENYLNKTNFNHSVFDVPLHYQFHAASTQGGGYDMRKLLNGTVVSKHPVKA
VTFVDNHDTQPGQSLESTVQTWFKPLAYAFILTREAGYPQIFYGDMYGTKGASQREIPALKHKIEPILKARKQYAYGAQH
DYFDHHNIVGWTREGDSSVANSGLAALITDGPGGTKRMYVGRQNAGETWHDITGNRSDSVVINAEGWGEFHVNGGSVSIY
VQR
;
_entity_poly.pdbx_strand_id   A
#
loop_
_chem_comp.id
_chem_comp.type
_chem_comp.name
_chem_comp.formula
CA non-polymer 'CALCIUM ION' 'Ca 2'
GLC D-saccharide, alpha linking alpha-D-glucopyranose 'C6 H12 O6'
MLI non-polymer 'MALONATE ION' 'C3 H2 O4 -2'
NA non-polymer 'SODIUM ION' 'Na 1'
#
# COMPACT_ATOMS: atom_id res chain seq x y z
N LEU A 3 19.76 -9.26 -1.79
CA LEU A 3 18.86 -10.41 -2.02
C LEU A 3 17.47 -10.17 -1.38
N ASN A 4 17.38 -9.63 -0.17
CA ASN A 4 16.07 -9.29 0.45
C ASN A 4 15.44 -8.16 -0.39
N GLY A 5 14.19 -8.31 -0.79
CA GLY A 5 13.48 -7.26 -1.51
C GLY A 5 12.73 -6.33 -0.57
N THR A 6 12.71 -5.04 -0.91
CA THR A 6 12.02 -4.02 -0.10
C THR A 6 11.22 -3.10 -1.04
N LEU A 7 9.94 -2.93 -0.72
CA LEU A 7 9.06 -2.08 -1.46
C LEU A 7 9.12 -0.70 -0.86
N MET A 8 8.85 0.30 -1.67
CA MET A 8 8.57 1.67 -1.15
C MET A 8 7.32 2.24 -1.81
N GLN A 9 6.41 2.73 -0.98
CA GLN A 9 5.30 3.49 -1.48
C GLN A 9 5.83 4.86 -1.76
N TYR A 10 5.89 5.25 -3.03
CA TYR A 10 6.58 6.48 -3.39
C TYR A 10 5.65 7.68 -3.57
N PHE A 11 4.93 7.95 -2.51
CA PHE A 11 4.13 9.20 -2.37
C PHE A 11 3.51 9.27 -0.99
N GLU A 12 3.04 10.46 -0.65
CA GLU A 12 2.16 10.66 0.51
C GLU A 12 1.06 11.64 0.07
N TRP A 13 0.02 11.78 0.88
CA TRP A 13 -1.20 12.44 0.41
C TRP A 13 -1.02 13.92 0.06
N TYR A 14 -0.21 14.61 0.87
CA TYR A 14 -0.12 16.06 0.84
C TYR A 14 1.08 16.66 0.11
N MET A 15 1.72 15.86 -0.75
CA MET A 15 2.86 16.36 -1.54
C MET A 15 2.37 17.57 -2.34
N PRO A 16 3.25 18.54 -2.58
CA PRO A 16 2.84 19.73 -3.34
C PRO A 16 2.46 19.42 -4.78
N ASN A 17 1.43 20.11 -5.28
CA ASN A 17 0.99 20.00 -6.65
C ASN A 17 1.85 20.90 -7.55
N ASP A 18 3.13 20.54 -7.70
CA ASP A 18 4.04 21.28 -8.54
C ASP A 18 4.43 20.52 -9.82
N GLY A 19 3.89 19.34 -10.03
CA GLY A 19 4.17 18.60 -11.27
C GLY A 19 5.58 18.02 -11.39
N GLN A 20 6.33 18.02 -10.28
CA GLN A 20 7.72 17.60 -10.28
C GLN A 20 7.95 16.22 -9.66
N HIS A 21 6.90 15.52 -9.23
CA HIS A 21 7.10 14.24 -8.52
C HIS A 21 7.80 13.18 -9.35
N TRP A 22 7.43 13.04 -10.61
CA TRP A 22 8.09 12.01 -11.45
C TRP A 22 9.59 12.31 -11.60
N LYS A 23 9.91 13.59 -11.83
CA LYS A 23 11.30 14.04 -11.89
C LYS A 23 12.06 13.74 -10.60
N ARG A 24 11.43 14.04 -9.47
CA ARG A 24 11.99 13.70 -8.17
C ARG A 24 12.27 12.21 -8.05
N LEU A 25 11.28 11.40 -8.41
CA LEU A 25 11.45 9.95 -8.40
C LEU A 25 12.66 9.51 -9.26
N GLN A 26 12.73 10.00 -10.48
CA GLN A 26 13.89 9.76 -11.33
C GLN A 26 15.21 10.09 -10.61
N ASN A 27 15.28 11.29 -10.06
CA ASN A 27 16.48 11.76 -9.33
C ASN A 27 16.77 11.02 -8.03
N ASP A 28 15.77 10.34 -7.46
CA ASP A 28 15.96 9.54 -6.27
C ASP A 28 16.34 8.08 -6.55
N SER A 29 16.44 7.68 -7.83
CA SER A 29 16.62 6.25 -8.12
C SER A 29 17.95 5.68 -7.62
N ALA A 30 19.04 6.44 -7.77
CA ALA A 30 20.34 6.01 -7.24
C ALA A 30 20.31 5.81 -5.72
N TYR A 31 19.73 6.77 -5.00
CA TYR A 31 19.56 6.66 -3.55
C TYR A 31 18.72 5.44 -3.19
N LEU A 32 17.63 5.19 -3.90
CA LEU A 32 16.77 4.05 -3.59
C LEU A 32 17.53 2.73 -3.77
N ALA A 33 18.18 2.60 -4.91
CA ALA A 33 18.91 1.39 -5.21
C ALA A 33 20.01 1.14 -4.17
N GLU A 34 20.77 2.18 -3.84
CA GLU A 34 21.88 2.06 -2.87
C GLU A 34 21.37 1.62 -1.49
N HIS A 35 20.20 2.09 -1.08
CA HIS A 35 19.65 1.69 0.21
C HIS A 35 18.81 0.39 0.18
N GLY A 36 18.84 -0.33 -0.94
CA GLY A 36 18.20 -1.67 -1.01
C GLY A 36 16.71 -1.73 -1.37
N ILE A 37 16.13 -0.63 -1.84
CA ILE A 37 14.77 -0.63 -2.36
C ILE A 37 14.82 -1.34 -3.71
N THR A 38 13.97 -2.35 -3.88
CA THR A 38 13.92 -3.15 -5.09
C THR A 38 12.59 -3.01 -5.85
N ALA A 39 11.62 -2.31 -5.28
CA ALA A 39 10.39 -2.04 -5.98
C ALA A 39 9.76 -0.79 -5.44
N VAL A 40 9.13 0.00 -6.33
CA VAL A 40 8.35 1.14 -5.89
C VAL A 40 6.91 1.02 -6.34
N TRP A 41 6.02 1.43 -5.45
CA TRP A 41 4.62 1.57 -5.75
C TRP A 41 4.44 3.07 -5.98
N ILE A 42 4.07 3.42 -7.22
CA ILE A 42 3.84 4.81 -7.63
C ILE A 42 2.37 5.20 -7.54
N PRO A 43 2.08 6.47 -7.25
CA PRO A 43 0.66 6.85 -7.15
C PRO A 43 -0.07 6.72 -8.47
N PRO A 44 -1.42 6.72 -8.45
CA PRO A 44 -2.12 6.55 -9.73
C PRO A 44 -1.61 7.55 -10.75
N ALA A 45 -1.31 7.05 -11.95
CA ALA A 45 -0.59 7.86 -12.96
C ALA A 45 -1.46 8.58 -13.99
N TYR A 46 -2.78 8.36 -13.89
CA TYR A 46 -3.78 8.82 -14.88
C TYR A 46 -4.57 10.01 -14.32
N LYS A 47 -5.11 10.79 -15.24
CA LYS A 47 -5.90 12.00 -14.94
C LYS A 47 -7.05 11.79 -13.96
N GLY A 48 -6.97 12.51 -12.85
CA GLY A 48 -8.04 12.61 -11.85
C GLY A 48 -9.08 13.68 -12.20
N THR A 49 -9.80 14.16 -11.20
CA THR A 49 -10.89 15.11 -11.44
C THR A 49 -10.41 16.53 -11.52
N SER A 50 -9.14 16.74 -11.17
CA SER A 50 -8.49 18.02 -11.28
C SER A 50 -6.98 17.72 -11.25
N GLN A 51 -6.20 18.74 -11.51
CA GLN A 51 -4.73 18.62 -11.48
C GLN A 51 -4.23 18.19 -10.12
N ASP A 52 -4.83 18.72 -9.04
CA ASP A 52 -4.38 18.39 -7.68
C ASP A 52 -4.95 17.08 -7.10
N ASP A 53 -5.67 16.30 -7.90
CA ASP A 53 -6.14 14.97 -7.47
C ASP A 53 -4.94 14.08 -7.12
N VAL A 54 -4.99 13.41 -5.96
CA VAL A 54 -3.92 12.50 -5.54
C VAL A 54 -3.86 11.29 -6.46
N GLY A 55 -4.98 11.02 -7.13
CA GLY A 55 -5.04 10.02 -8.20
C GLY A 55 -6.20 9.07 -8.12
N TYR A 56 -6.93 9.07 -7.02
CA TYR A 56 -8.04 8.14 -6.79
C TYR A 56 -9.38 8.61 -7.35
N GLY A 57 -9.42 9.79 -7.97
CA GLY A 57 -10.57 10.26 -8.74
C GLY A 57 -10.83 9.47 -10.01
N ALA A 58 -9.77 9.08 -10.71
CA ALA A 58 -9.83 8.21 -11.87
C ALA A 58 -10.80 8.68 -12.95
N TYR A 59 -10.58 9.90 -13.43
CA TYR A 59 -11.33 10.40 -14.58
C TYR A 59 -11.02 9.62 -15.87
N ASP A 60 -9.76 9.61 -16.29
CA ASP A 60 -9.40 8.98 -17.57
C ASP A 60 -8.15 8.15 -17.45
N LEU A 61 -8.36 6.84 -17.47
CA LEU A 61 -7.31 5.86 -17.28
C LEU A 61 -6.32 5.81 -18.44
N TYR A 62 -6.70 6.35 -19.61
CA TYR A 62 -5.82 6.41 -20.78
C TYR A 62 -5.08 7.75 -20.94
N ASP A 63 -5.22 8.65 -19.95
CA ASP A 63 -4.57 9.94 -19.96
C ASP A 63 -3.55 9.92 -18.81
N LEU A 64 -2.31 9.58 -19.14
CA LEU A 64 -1.23 9.47 -18.13
C LEU A 64 -0.49 10.80 -17.95
N GLY A 65 -1.23 11.91 -18.03
CA GLY A 65 -0.60 13.22 -18.12
C GLY A 65 -0.13 13.55 -19.52
N GLU A 66 -0.99 13.27 -20.48
CA GLU A 66 -0.73 13.43 -21.90
C GLU A 66 -1.73 14.35 -22.63
N PHE A 67 -2.95 14.47 -22.12
CA PHE A 67 -3.97 15.25 -22.79
C PHE A 67 -4.44 16.38 -21.88
N HIS A 68 -4.84 17.49 -22.52
CA HIS A 68 -5.37 18.61 -21.78
C HIS A 68 -6.82 18.31 -21.42
N GLN A 69 -7.00 17.79 -20.21
CA GLN A 69 -8.33 17.42 -19.65
C GLN A 69 -8.33 17.81 -18.16
N LYS A 70 -9.46 18.31 -17.67
CA LYS A 70 -9.57 18.78 -16.28
C LYS A 70 -8.61 19.90 -15.93
N GLY A 71 -8.45 20.82 -16.86
CA GLY A 71 -7.69 22.02 -16.64
C GLY A 71 -6.20 21.83 -16.69
N THR A 72 -5.72 20.68 -17.18
CA THR A 72 -4.28 20.38 -17.13
C THR A 72 -3.87 19.28 -18.13
N VAL A 73 -2.63 19.33 -18.58
CA VAL A 73 -2.05 18.19 -19.30
C VAL A 73 -1.48 17.22 -18.28
N ARG A 74 -0.50 17.68 -17.52
CA ARG A 74 0.09 16.83 -16.46
C ARG A 74 -0.94 16.41 -15.44
N THR A 75 -0.67 15.29 -14.81
CA THR A 75 -1.33 14.93 -13.59
C THR A 75 -0.67 15.74 -12.46
N LYS A 76 -1.08 15.50 -11.22
CA LYS A 76 -0.39 16.14 -10.09
C LYS A 76 1.12 15.92 -10.13
N TYR A 77 1.50 14.75 -10.62
CA TYR A 77 2.84 14.24 -10.48
C TYR A 77 3.75 14.57 -11.64
N GLY A 78 3.18 14.91 -12.79
CA GLY A 78 3.96 15.27 -14.00
C GLY A 78 3.34 14.68 -15.25
N THR A 79 4.15 14.62 -16.30
CA THR A 79 3.69 14.16 -17.62
C THR A 79 3.95 12.68 -17.83
N LYS A 80 3.35 12.10 -18.88
CA LYS A 80 3.64 10.69 -19.18
C LYS A 80 5.13 10.47 -19.43
N GLY A 81 5.73 11.34 -20.24
CA GLY A 81 7.13 11.23 -20.58
C GLY A 81 8.06 11.26 -19.38
N GLU A 82 7.77 12.17 -18.45
CA GLU A 82 8.50 12.27 -17.18
C GLU A 82 8.37 11.00 -16.36
N LEU A 83 7.18 10.43 -16.30
CA LEU A 83 6.99 9.18 -15.62
C LEU A 83 7.79 8.04 -16.27
N GLN A 84 7.74 7.99 -17.60
CA GLN A 84 8.42 6.96 -18.36
C GLN A 84 9.93 7.10 -18.21
N SER A 85 10.44 8.34 -18.15
CA SER A 85 11.88 8.57 -17.84
C SER A 85 12.25 8.12 -16.43
N ALA A 86 11.37 8.38 -15.46
CA ALA A 86 11.61 7.92 -14.09
C ALA A 86 11.65 6.38 -14.05
N ILE A 87 10.71 5.74 -14.75
CA ILE A 87 10.62 4.27 -14.74
C ILE A 87 11.87 3.66 -15.38
N ASN A 88 12.30 4.31 -16.44
CA ASN A 88 13.50 3.93 -17.15
C ASN A 88 14.75 4.00 -16.25
N SER A 89 14.87 5.06 -15.44
CA SER A 89 15.97 5.17 -14.47
C SER A 89 15.89 4.11 -13.37
N LEU A 90 14.68 3.85 -12.88
CA LEU A 90 14.47 2.84 -11.86
C LEU A 90 14.82 1.44 -12.38
N HIS A 91 14.30 1.08 -13.56
CA HIS A 91 14.68 -0.18 -14.18
C HIS A 91 16.19 -0.29 -14.45
N SER A 92 16.87 0.81 -14.80
CA SER A 92 18.31 0.78 -14.98
C SER A 92 19.05 0.35 -13.71
N ARG A 93 18.42 0.52 -12.55
CA ARG A 93 18.99 0.08 -11.30
C ARG A 93 18.30 -1.13 -10.70
N ASP A 94 17.66 -1.95 -11.52
CA ASP A 94 16.92 -3.14 -11.06
C ASP A 94 15.83 -2.86 -10.03
N ILE A 95 15.18 -1.70 -10.12
CA ILE A 95 14.05 -1.39 -9.27
C ILE A 95 12.79 -1.60 -10.08
N ASN A 96 11.96 -2.50 -9.60
CA ASN A 96 10.67 -2.78 -10.22
C ASN A 96 9.66 -1.68 -9.93
N VAL A 97 8.66 -1.56 -10.79
CA VAL A 97 7.64 -0.54 -10.65
C VAL A 97 6.25 -1.16 -10.65
N TYR A 98 5.50 -0.89 -9.58
CA TYR A 98 4.13 -1.36 -9.44
C TYR A 98 3.17 -0.20 -9.59
N GLY A 99 2.28 -0.28 -10.58
CA GLY A 99 1.32 0.78 -10.82
C GLY A 99 0.06 0.65 -10.00
N ASP A 100 -0.47 1.78 -9.56
CA ASP A 100 -1.68 1.82 -8.79
C ASP A 100 -2.85 1.66 -9.76
N VAL A 101 -3.79 0.82 -9.39
CA VAL A 101 -4.93 0.45 -10.25
C VAL A 101 -6.18 0.84 -9.51
N VAL A 102 -6.83 1.89 -10.03
CA VAL A 102 -8.05 2.47 -9.40
C VAL A 102 -9.20 2.20 -10.37
N ILE A 103 -9.90 1.10 -10.14
CA ILE A 103 -10.95 0.63 -11.03
C ILE A 103 -12.27 0.37 -10.32
N ASN A 104 -12.42 0.88 -9.11
CA ASN A 104 -13.69 0.82 -8.43
C ASN A 104 -14.75 1.74 -9.04
N HIS A 105 -14.30 2.91 -9.50
CA HIS A 105 -15.20 3.98 -9.82
C HIS A 105 -14.55 4.91 -10.83
N LYS A 106 -15.35 5.87 -11.33
CA LYS A 106 -14.84 6.97 -12.13
C LYS A 106 -15.45 8.27 -11.62
N GLY A 107 -14.59 9.25 -11.36
CA GLY A 107 -14.98 10.59 -10.98
C GLY A 107 -14.81 11.59 -12.11
N GLY A 108 -15.44 12.73 -11.96
CA GLY A 108 -15.23 13.85 -12.86
C GLY A 108 -15.84 13.73 -14.24
N ALA A 109 -16.97 13.05 -14.34
CA ALA A 109 -17.63 12.89 -15.62
C ALA A 109 -17.76 14.24 -16.32
N ASP A 110 -17.69 14.19 -17.63
CA ASP A 110 -17.76 15.38 -18.45
C ASP A 110 -19.14 15.97 -18.49
N ALA A 111 -20.17 15.14 -18.37
CA ALA A 111 -21.56 15.64 -18.42
C ALA A 111 -22.47 14.77 -17.57
N THR A 112 -23.61 15.34 -17.18
CA THR A 112 -24.62 14.60 -16.45
C THR A 112 -25.49 13.84 -17.42
N GLU A 113 -26.23 12.86 -16.91
CA GLU A 113 -27.28 12.19 -17.67
C GLU A 113 -28.48 12.07 -16.77
N TYR A 114 -29.67 12.13 -17.33
CA TYR A 114 -30.89 11.85 -16.57
C TYR A 114 -30.97 10.37 -16.38
N VAL A 115 -31.07 9.94 -15.13
CA VAL A 115 -31.08 8.53 -14.79
C VAL A 115 -32.20 8.27 -13.78
N THR A 116 -32.91 7.18 -13.98
CA THR A 116 -33.89 6.72 -12.99
C THR A 116 -33.15 5.92 -11.94
N ALA A 117 -33.40 6.22 -10.68
CA ALA A 117 -32.70 5.60 -9.58
C ALA A 117 -33.56 5.55 -8.33
N VAL A 118 -33.12 4.73 -7.38
CA VAL A 118 -33.68 4.69 -6.05
C VAL A 118 -32.57 4.96 -5.04
N GLU A 119 -32.96 5.54 -3.93
CA GLU A 119 -32.05 5.72 -2.82
C GLU A 119 -31.90 4.41 -2.03
N VAL A 120 -30.69 4.17 -1.54
CA VAL A 120 -30.45 3.07 -0.61
C VAL A 120 -29.89 3.57 0.70
N ASP A 121 -30.01 2.76 1.74
CA ASP A 121 -29.59 3.13 3.10
C ASP A 121 -28.07 3.08 3.17
N PRO A 122 -27.40 4.20 3.56
CA PRO A 122 -25.92 4.15 3.59
C PRO A 122 -25.33 3.15 4.60
N ALA A 123 -26.08 2.79 5.65
CA ALA A 123 -25.66 1.73 6.58
C ALA A 123 -26.05 0.30 6.12
N ASP A 124 -26.85 0.19 5.07
CA ASP A 124 -27.32 -1.12 4.57
C ASP A 124 -27.80 -0.95 3.13
N ARG A 125 -26.84 -1.05 2.20
CA ARG A 125 -27.11 -0.66 0.82
C ARG A 125 -27.99 -1.68 0.09
N ASN A 126 -28.30 -2.80 0.74
CA ASN A 126 -29.32 -3.72 0.27
C ASN A 126 -30.75 -3.23 0.51
N ARG A 127 -30.93 -2.24 1.39
CA ARG A 127 -32.24 -1.68 1.74
C ARG A 127 -32.52 -0.47 0.86
N VAL A 128 -33.61 -0.53 0.08
CA VAL A 128 -34.03 0.59 -0.75
C VAL A 128 -34.92 1.48 0.11
N THR A 129 -34.70 2.79 0.03
CA THR A 129 -35.37 3.78 0.88
C THR A 129 -36.13 4.86 0.11
N SER A 130 -36.31 4.64 -1.20
CA SER A 130 -37.21 5.50 -1.99
C SER A 130 -37.83 4.72 -3.13
N GLY A 131 -38.90 5.30 -3.66
CA GLY A 131 -39.41 4.91 -4.97
C GLY A 131 -38.47 5.43 -6.06
N GLU A 132 -38.81 5.14 -7.30
CA GLU A 132 -37.99 5.57 -8.42
C GLU A 132 -38.07 7.07 -8.56
N GLN A 133 -36.94 7.67 -8.85
CA GLN A 133 -36.88 9.09 -9.05
C GLN A 133 -35.89 9.39 -10.16
N ARG A 134 -36.09 10.51 -10.81
CA ARG A 134 -35.23 10.94 -11.88
C ARG A 134 -34.13 11.78 -11.25
N ILE A 135 -32.88 11.40 -11.45
CA ILE A 135 -31.73 12.21 -10.98
C ILE A 135 -30.83 12.65 -12.13
N LYS A 136 -29.95 13.59 -11.85
CA LYS A 136 -28.92 14.00 -12.80
C LYS A 136 -27.60 13.52 -12.25
N ALA A 137 -27.07 12.45 -12.83
CA ALA A 137 -25.86 11.81 -12.32
C ALA A 137 -24.69 12.15 -13.23
N TRP A 138 -23.52 12.31 -12.62
CA TRP A 138 -22.26 12.56 -13.36
C TRP A 138 -21.72 11.24 -13.90
N THR A 139 -22.23 10.83 -15.04
CA THR A 139 -21.95 9.51 -15.61
C THR A 139 -21.45 9.51 -17.05
N HIS A 140 -21.52 10.63 -17.77
CA HIS A 140 -21.10 10.62 -19.19
C HIS A 140 -19.63 11.01 -19.34
N PHE A 141 -18.82 10.08 -19.80
CA PHE A 141 -17.39 10.34 -20.05
C PHE A 141 -17.14 10.27 -21.55
N GLN A 142 -16.79 11.42 -22.15
CA GLN A 142 -16.44 11.54 -23.56
C GLN A 142 -14.93 11.79 -23.77
N PHE A 143 -14.22 12.25 -22.75
CA PHE A 143 -12.76 12.52 -22.90
C PHE A 143 -12.48 13.48 -24.07
N PRO A 144 -12.99 14.73 -23.99
CA PRO A 144 -12.89 15.65 -25.11
C PRO A 144 -11.47 16.01 -25.46
N GLY A 145 -10.58 15.99 -24.48
CA GLY A 145 -9.19 16.32 -24.75
C GLY A 145 -8.45 15.18 -25.38
N ARG A 146 -8.86 13.95 -25.10
CA ARG A 146 -8.17 12.76 -25.65
C ARG A 146 -8.75 12.32 -27.00
N GLY A 147 -10.07 12.48 -27.21
CA GLY A 147 -10.71 11.87 -28.35
C GLY A 147 -10.64 10.35 -28.23
N SER A 148 -10.41 9.69 -29.36
CA SER A 148 -10.32 8.25 -29.42
C SER A 148 -8.90 7.70 -29.38
N THR A 149 -7.91 8.58 -29.21
CA THR A 149 -6.51 8.15 -29.10
C THR A 149 -6.37 7.10 -27.99
N TYR A 150 -5.79 5.94 -28.33
CA TYR A 150 -5.63 4.78 -27.46
C TYR A 150 -6.89 3.97 -27.17
N SER A 151 -8.07 4.59 -27.16
CA SER A 151 -9.31 3.86 -26.85
C SER A 151 -10.52 4.69 -27.23
N ASP A 152 -11.42 4.14 -28.04
CA ASP A 152 -12.66 4.83 -28.36
C ASP A 152 -13.81 4.53 -27.40
N PHE A 153 -13.56 3.81 -26.31
CA PHE A 153 -14.59 3.46 -25.34
C PHE A 153 -15.08 4.71 -24.59
N LYS A 154 -16.38 4.92 -24.63
CA LYS A 154 -17.04 6.03 -23.94
C LYS A 154 -17.86 5.40 -22.82
N TRP A 155 -18.01 6.13 -21.72
CA TRP A 155 -18.76 5.62 -20.56
C TRP A 155 -20.06 6.39 -20.46
N TYR A 156 -21.12 5.65 -20.11
CA TYR A 156 -22.46 6.17 -19.84
C TYR A 156 -23.00 5.57 -18.52
N TRP A 157 -24.15 6.07 -18.08
CA TRP A 157 -24.77 5.66 -16.80
C TRP A 157 -24.91 4.14 -16.70
N TYR A 158 -25.19 3.49 -17.82
CA TYR A 158 -25.40 2.04 -17.80
C TYR A 158 -24.14 1.21 -17.64
N HIS A 159 -22.98 1.86 -17.50
CA HIS A 159 -21.75 1.18 -17.15
C HIS A 159 -21.48 1.19 -15.64
N PHE A 160 -22.36 1.85 -14.88
CA PHE A 160 -22.24 2.06 -13.47
C PHE A 160 -23.45 1.51 -12.71
N ASP A 161 -23.23 1.15 -11.45
CA ASP A 161 -24.35 0.72 -10.59
C ASP A 161 -25.04 1.87 -9.86
N GLY A 162 -24.31 2.97 -9.66
CA GLY A 162 -24.85 4.09 -8.93
C GLY A 162 -23.85 5.21 -8.69
N THR A 163 -24.31 6.19 -7.92
CA THR A 163 -23.56 7.39 -7.65
C THR A 163 -24.00 7.97 -6.31
N ASP A 164 -23.28 8.95 -5.81
CA ASP A 164 -23.62 9.62 -4.54
C ASP A 164 -24.07 11.09 -4.67
N TRP A 165 -24.40 11.52 -5.87
CA TRP A 165 -24.78 12.89 -6.09
C TRP A 165 -25.83 13.03 -7.18
N ASP A 166 -26.94 13.72 -6.83
CA ASP A 166 -27.92 14.12 -7.79
C ASP A 166 -27.69 15.61 -8.02
N GLU A 167 -27.35 15.95 -9.27
CA GLU A 167 -27.05 17.33 -9.63
C GLU A 167 -28.31 18.20 -9.67
N SER A 168 -29.49 17.61 -9.93
CA SER A 168 -30.70 18.41 -10.08
C SER A 168 -31.16 18.96 -8.71
N ARG A 169 -31.17 18.12 -7.68
CA ARG A 169 -31.59 18.53 -6.34
C ARG A 169 -30.42 18.94 -5.47
N LYS A 170 -29.20 18.76 -5.99
CA LYS A 170 -27.96 19.13 -5.31
C LYS A 170 -27.81 18.36 -4.02
N LEU A 171 -27.98 17.05 -4.10
CA LEU A 171 -28.15 16.22 -2.92
C LEU A 171 -27.16 15.06 -2.89
N ASN A 172 -26.58 14.84 -1.72
CA ASN A 172 -25.64 13.75 -1.47
C ASN A 172 -26.31 12.57 -0.78
N ARG A 173 -26.65 11.57 -1.57
CA ARG A 173 -27.31 10.32 -1.13
C ARG A 173 -26.76 9.20 -1.99
N ILE A 174 -26.84 7.95 -1.52
CA ILE A 174 -26.46 6.82 -2.36
C ILE A 174 -27.65 6.41 -3.23
N TYR A 175 -27.46 6.58 -4.52
CA TYR A 175 -28.47 6.26 -5.54
C TYR A 175 -28.03 5.03 -6.31
N LYS A 176 -28.93 4.03 -6.39
CA LYS A 176 -28.73 2.83 -7.22
C LYS A 176 -29.54 2.98 -8.51
N PHE A 177 -28.90 2.82 -9.66
CA PHE A 177 -29.59 3.08 -10.92
C PHE A 177 -30.57 1.95 -11.26
N GLN A 178 -31.62 2.34 -11.96
CA GLN A 178 -32.64 1.41 -12.44
C GLN A 178 -32.04 0.24 -13.21
N GLY A 179 -32.49 -0.96 -12.87
CA GLY A 179 -32.04 -2.18 -13.48
C GLY A 179 -30.68 -2.65 -12.98
N LYS A 180 -30.04 -1.93 -12.06
CA LYS A 180 -28.73 -2.33 -11.55
C LYS A 180 -28.81 -3.03 -10.21
N ALA A 181 -27.79 -3.83 -9.92
CA ALA A 181 -27.65 -4.49 -8.64
C ALA A 181 -26.22 -4.28 -8.19
N TRP A 182 -26.02 -4.04 -6.90
CA TRP A 182 -24.66 -3.98 -6.37
C TRP A 182 -23.98 -5.30 -6.67
N ASP A 183 -22.69 -5.22 -7.00
CA ASP A 183 -21.86 -6.39 -7.32
C ASP A 183 -21.65 -7.24 -6.07
N TRP A 184 -21.47 -8.54 -6.31
CA TRP A 184 -21.12 -9.51 -5.30
C TRP A 184 -20.08 -10.44 -5.96
N GLU A 185 -19.02 -10.91 -5.28
CA GLU A 185 -18.78 -10.71 -3.84
C GLU A 185 -17.97 -9.45 -3.60
N VAL A 186 -18.43 -8.66 -2.62
CA VAL A 186 -17.69 -7.53 -2.08
C VAL A 186 -17.76 -7.63 -0.54
N SER A 187 -17.12 -6.67 0.16
CA SER A 187 -17.27 -6.61 1.62
C SER A 187 -18.76 -6.62 2.00
N ASN A 188 -19.10 -7.38 3.05
CA ASN A 188 -20.46 -7.42 3.59
C ASN A 188 -20.73 -6.25 4.57
N GLU A 189 -19.73 -5.39 4.81
CA GLU A 189 -19.93 -4.18 5.59
C GLU A 189 -20.98 -3.28 4.93
N ASN A 190 -21.78 -2.64 5.77
CA ASN A 190 -22.88 -1.80 5.33
C ASN A 190 -23.83 -2.58 4.46
N GLY A 191 -24.01 -3.86 4.79
CA GLY A 191 -24.82 -4.80 4.03
C GLY A 191 -24.13 -5.29 2.76
N ASN A 192 -23.76 -4.35 1.91
CA ASN A 192 -22.93 -4.57 0.73
C ASN A 192 -22.09 -3.31 0.54
N TYR A 193 -20.77 -3.44 0.45
CA TYR A 193 -19.90 -2.26 0.34
C TYR A 193 -19.40 -2.02 -1.09
N ASP A 194 -20.15 -2.45 -2.08
CA ASP A 194 -19.84 -2.12 -3.48
C ASP A 194 -19.68 -0.60 -3.68
N TYR A 195 -20.66 0.17 -3.20
CA TYR A 195 -20.60 1.62 -3.37
C TYR A 195 -19.57 2.23 -2.41
N LEU A 196 -18.64 3.01 -2.95
CA LEU A 196 -17.71 3.81 -2.12
C LEU A 196 -17.85 5.30 -2.40
N MET A 197 -17.56 5.71 -3.63
CA MET A 197 -17.64 7.11 -4.07
C MET A 197 -17.68 7.24 -5.59
N TYR A 198 -17.92 8.48 -6.05
CA TYR A 198 -18.08 8.84 -7.46
C TYR A 198 -19.10 7.93 -8.14
N ALA A 199 -18.92 7.66 -9.45
CA ALA A 199 -19.80 6.76 -10.17
C ALA A 199 -19.24 5.33 -10.02
N ASP A 200 -20.02 4.42 -9.43
CA ASP A 200 -19.53 3.06 -9.14
C ASP A 200 -19.62 2.14 -10.35
N ILE A 201 -18.49 1.58 -10.76
CA ILE A 201 -18.45 0.75 -11.96
C ILE A 201 -19.28 -0.55 -11.75
N ASP A 202 -20.07 -0.89 -12.74
CA ASP A 202 -20.89 -2.11 -12.75
C ASP A 202 -20.12 -3.31 -13.30
N TYR A 203 -19.57 -4.14 -12.42
CA TYR A 203 -18.82 -5.33 -12.88
C TYR A 203 -19.67 -6.55 -13.23
N ASP A 204 -21.00 -6.38 -13.28
CA ASP A 204 -21.88 -7.32 -13.97
C ASP A 204 -21.93 -7.03 -15.46
N HIS A 205 -21.42 -5.89 -15.92
CA HIS A 205 -21.56 -5.49 -17.32
C HIS A 205 -20.42 -6.08 -18.15
N PRO A 206 -20.73 -6.94 -19.12
CA PRO A 206 -19.64 -7.62 -19.85
C PRO A 206 -18.73 -6.71 -20.70
N ASP A 207 -19.26 -5.61 -21.21
CA ASP A 207 -18.39 -4.67 -21.93
C ASP A 207 -17.41 -3.98 -20.97
N VAL A 208 -17.84 -3.76 -19.73
CA VAL A 208 -17.02 -3.10 -18.72
C VAL A 208 -15.90 -4.01 -18.30
N THR A 209 -16.23 -5.27 -18.03
CA THR A 209 -15.20 -6.24 -17.66
C THR A 209 -14.15 -6.36 -18.77
N ALA A 210 -14.62 -6.48 -20.02
CA ALA A 210 -13.69 -6.55 -21.18
C ALA A 210 -12.79 -5.30 -21.27
N GLU A 211 -13.40 -4.12 -21.11
CA GLU A 211 -12.66 -2.87 -21.27
C GLU A 211 -11.60 -2.69 -20.20
N ILE A 212 -11.98 -2.93 -18.94
CA ILE A 212 -11.03 -2.77 -17.84
C ILE A 212 -9.85 -3.75 -17.95
N LYS A 213 -10.10 -4.97 -18.40
CA LYS A 213 -9.03 -5.94 -18.66
C LYS A 213 -8.12 -5.43 -19.77
N ARG A 214 -8.72 -4.94 -20.84
CA ARG A 214 -7.96 -4.40 -21.99
C ARG A 214 -7.08 -3.21 -21.58
N TRP A 215 -7.68 -2.27 -20.82
CA TRP A 215 -6.96 -1.14 -20.25
C TRP A 215 -5.80 -1.62 -19.37
N GLY A 216 -6.03 -2.66 -18.59
CA GLY A 216 -4.99 -3.24 -17.71
C GLY A 216 -3.71 -3.58 -18.48
N THR A 217 -3.88 -4.31 -19.59
CA THR A 217 -2.77 -4.67 -20.46
C THR A 217 -2.11 -3.42 -21.07
N TRP A 218 -2.94 -2.51 -21.56
CA TRP A 218 -2.42 -1.28 -22.16
C TRP A 218 -1.54 -0.48 -21.18
N TYR A 219 -2.02 -0.37 -19.95
CA TYR A 219 -1.37 0.38 -18.87
C TYR A 219 -0.01 -0.23 -18.55
N ALA A 220 0.00 -1.56 -18.39
CA ALA A 220 1.21 -2.31 -18.12
C ALA A 220 2.26 -2.07 -19.21
N ASN A 221 1.85 -2.13 -20.48
CA ASN A 221 2.75 -1.88 -21.60
C ASN A 221 3.23 -0.45 -21.66
N GLU A 222 2.32 0.48 -21.53
CA GLU A 222 2.60 1.91 -21.67
C GLU A 222 3.65 2.42 -20.69
N LEU A 223 3.58 1.91 -19.45
CA LEU A 223 4.54 2.23 -18.41
C LEU A 223 5.60 1.14 -18.10
N GLN A 224 5.59 0.05 -18.86
CA GLN A 224 6.50 -1.06 -18.64
C GLN A 224 6.47 -1.53 -17.16
N LEU A 225 5.27 -1.62 -16.61
CA LEU A 225 5.09 -1.96 -15.21
C LEU A 225 5.53 -3.40 -14.94
N ASP A 226 6.02 -3.62 -13.75
CA ASP A 226 6.38 -4.96 -13.29
C ASP A 226 5.34 -5.59 -12.39
N GLY A 227 4.27 -4.86 -12.11
CA GLY A 227 3.28 -5.30 -11.13
C GLY A 227 2.28 -4.21 -10.80
N PHE A 228 1.40 -4.52 -9.87
CA PHE A 228 0.27 -3.65 -9.59
C PHE A 228 0.00 -3.50 -8.09
N ARG A 229 -0.49 -2.33 -7.70
CA ARG A 229 -1.15 -2.16 -6.43
C ARG A 229 -2.64 -1.93 -6.74
N LEU A 230 -3.51 -2.76 -6.15
CA LEU A 230 -4.98 -2.69 -6.41
C LEU A 230 -5.69 -1.87 -5.34
N ASP A 231 -6.29 -0.76 -5.78
CA ASP A 231 -6.98 0.15 -4.91
C ASP A 231 -8.37 -0.37 -4.50
N ALA A 232 -8.70 -0.18 -3.23
CA ALA A 232 -10.08 -0.26 -2.73
C ALA A 232 -10.78 -1.61 -3.04
N VAL A 233 -10.04 -2.71 -2.98
CA VAL A 233 -10.56 -3.98 -3.47
C VAL A 233 -11.77 -4.52 -2.71
N LYS A 234 -11.96 -4.13 -1.44
CA LYS A 234 -13.16 -4.58 -0.73
C LYS A 234 -14.48 -4.05 -1.33
N HIS A 235 -14.37 -3.10 -2.26
CA HIS A 235 -15.50 -2.51 -2.95
C HIS A 235 -15.67 -3.02 -4.38
N ILE A 236 -14.87 -4.01 -4.78
CA ILE A 236 -14.83 -4.49 -6.17
C ILE A 236 -15.03 -5.99 -6.18
N LYS A 237 -15.95 -6.46 -7.05
CA LYS A 237 -16.28 -7.87 -7.20
C LYS A 237 -15.02 -8.74 -7.16
N PHE A 238 -14.86 -9.60 -6.17
CA PHE A 238 -13.59 -10.37 -5.99
C PHE A 238 -13.21 -11.25 -7.20
N SER A 239 -14.18 -11.96 -7.76
CA SER A 239 -13.93 -12.84 -8.93
C SER A 239 -13.46 -12.04 -10.15
N PHE A 240 -13.92 -10.77 -10.27
CA PHE A 240 -13.43 -9.91 -11.31
C PHE A 240 -11.95 -9.57 -11.11
N LEU A 241 -11.59 -9.21 -9.89
CA LEU A 241 -10.19 -8.88 -9.59
C LEU A 241 -9.26 -10.07 -9.87
N ARG A 242 -9.68 -11.24 -9.42
CA ARG A 242 -8.97 -12.46 -9.71
C ARG A 242 -8.71 -12.62 -11.21
N ASP A 243 -9.78 -12.46 -11.99
CA ASP A 243 -9.75 -12.66 -13.46
C ASP A 243 -8.90 -11.59 -14.14
N TRP A 244 -8.99 -10.38 -13.63
CA TRP A 244 -8.25 -9.25 -14.14
C TRP A 244 -6.74 -9.48 -14.01
N VAL A 245 -6.34 -9.92 -12.83
CA VAL A 245 -4.93 -10.22 -12.55
C VAL A 245 -4.42 -11.34 -13.48
N ASN A 246 -5.22 -12.40 -13.60
CA ASN A 246 -4.87 -13.51 -14.48
C ASN A 246 -4.79 -13.04 -15.93
N HIS A 247 -5.73 -12.19 -16.33
CA HIS A 247 -5.79 -11.70 -17.72
C HIS A 247 -4.55 -10.92 -18.11
N VAL A 248 -4.16 -9.95 -17.28
CA VAL A 248 -3.02 -9.09 -17.60
C VAL A 248 -1.73 -9.90 -17.62
N ARG A 249 -1.56 -10.79 -16.64
CA ARG A 249 -0.46 -11.74 -16.65
C ARG A 249 -0.40 -12.56 -17.95
N GLU A 250 -1.54 -13.05 -18.42
CA GLU A 250 -1.56 -13.86 -19.61
C GLU A 250 -1.14 -13.02 -20.82
N LYS A 251 -1.66 -11.81 -20.92
CA LYS A 251 -1.38 -10.96 -22.08
C LYS A 251 0.02 -10.41 -22.09
N THR A 252 0.54 -10.01 -20.94
CA THR A 252 1.90 -9.47 -20.89
C THR A 252 2.98 -10.56 -20.86
N GLY A 253 2.64 -11.78 -20.49
CA GLY A 253 3.64 -12.83 -20.30
C GLY A 253 4.56 -12.69 -19.10
N LYS A 254 4.30 -11.74 -18.20
CA LYS A 254 5.16 -11.46 -17.05
C LYS A 254 4.49 -11.85 -15.74
N GLU A 255 5.30 -11.96 -14.68
CA GLU A 255 4.84 -12.29 -13.32
C GLU A 255 3.79 -11.31 -12.83
N MET A 256 4.08 -10.01 -12.97
CA MET A 256 3.21 -8.94 -12.47
C MET A 256 2.81 -9.20 -11.01
N PHE A 257 3.79 -9.20 -10.13
CA PHE A 257 3.50 -9.18 -8.71
C PHE A 257 2.38 -8.16 -8.42
N THR A 258 1.37 -8.58 -7.67
CA THR A 258 0.24 -7.73 -7.36
C THR A 258 -0.06 -7.79 -5.86
N VAL A 259 -0.30 -6.61 -5.29
CA VAL A 259 -0.71 -6.47 -3.91
C VAL A 259 -1.99 -5.62 -3.88
N ALA A 260 -3.01 -6.12 -3.18
CA ALA A 260 -4.29 -5.46 -3.06
C ALA A 260 -4.42 -4.78 -1.70
N GLU A 261 -4.97 -3.57 -1.73
CA GLU A 261 -5.38 -2.89 -0.51
C GLU A 261 -6.82 -3.26 -0.14
N TYR A 262 -6.95 -4.29 0.71
CA TYR A 262 -8.21 -4.72 1.30
C TYR A 262 -8.25 -4.15 2.71
N TRP A 263 -9.01 -3.08 2.91
CA TRP A 263 -8.90 -2.34 4.16
C TRP A 263 -9.89 -2.83 5.17
N GLN A 264 -9.44 -3.80 5.95
CA GLN A 264 -10.17 -4.24 7.12
C GLN A 264 -9.19 -4.76 8.16
N ASN A 265 -9.40 -4.37 9.41
CA ASN A 265 -8.60 -4.82 10.51
C ASN A 265 -9.14 -6.17 11.01
N ASP A 266 -9.03 -7.19 10.17
CA ASP A 266 -9.61 -8.49 10.48
C ASP A 266 -9.02 -9.54 9.58
N LEU A 267 -8.25 -10.45 10.18
CA LEU A 267 -7.55 -11.47 9.44
C LEU A 267 -8.50 -12.38 8.67
N GLY A 268 -9.59 -12.77 9.33
CA GLY A 268 -10.64 -13.57 8.73
C GLY A 268 -11.17 -13.04 7.40
N ALA A 269 -11.44 -11.73 7.35
CA ALA A 269 -11.94 -11.09 6.13
C ALA A 269 -10.90 -11.08 5.02
N LEU A 270 -9.64 -10.89 5.41
CA LEU A 270 -8.53 -10.91 4.48
C LEU A 270 -8.28 -12.30 3.94
N GLU A 271 -8.36 -13.30 4.81
CA GLU A 271 -8.28 -14.68 4.39
C GLU A 271 -9.43 -15.09 3.43
N ASN A 272 -10.64 -14.61 3.70
CA ASN A 272 -11.74 -14.81 2.75
C ASN A 272 -11.40 -14.24 1.37
N TYR A 273 -10.92 -13.01 1.34
CA TYR A 273 -10.55 -12.38 0.08
C TYR A 273 -9.45 -13.17 -0.65
N LEU A 274 -8.42 -13.59 0.08
CA LEU A 274 -7.34 -14.41 -0.52
C LEU A 274 -7.93 -15.66 -1.14
N ASN A 275 -8.77 -16.36 -0.37
CA ASN A 275 -9.42 -17.55 -0.87
C ASN A 275 -10.24 -17.29 -2.13
N LYS A 276 -10.98 -16.19 -2.15
CA LYS A 276 -11.90 -15.90 -3.25
C LYS A 276 -11.18 -15.41 -4.48
N THR A 277 -9.92 -14.98 -4.31
CA THR A 277 -9.05 -14.66 -5.45
C THR A 277 -8.00 -15.73 -5.71
N ASN A 278 -8.22 -16.95 -5.20
N ASN A 278 -8.23 -16.94 -5.16
CA ASN A 278 -7.33 -18.11 -5.40
CA ASN A 278 -7.37 -18.12 -5.36
C ASN A 278 -5.87 -17.88 -5.02
C ASN A 278 -5.89 -17.88 -5.02
N PHE A 279 -5.62 -16.96 -4.07
CA PHE A 279 -4.26 -16.62 -3.64
C PHE A 279 -3.36 -16.16 -4.80
N ASN A 280 -3.94 -15.55 -5.85
CA ASN A 280 -3.12 -15.19 -6.99
C ASN A 280 -2.42 -13.85 -6.78
N HIS A 281 -2.74 -13.15 -5.68
CA HIS A 281 -2.06 -11.93 -5.29
C HIS A 281 -2.02 -11.69 -3.77
N SER A 282 -1.14 -10.78 -3.35
CA SER A 282 -0.91 -10.44 -1.94
C SER A 282 -1.84 -9.35 -1.47
N VAL A 283 -1.94 -9.20 -0.16
CA VAL A 283 -2.72 -8.13 0.46
C VAL A 283 -1.81 -7.38 1.40
N PHE A 284 -2.12 -6.11 1.65
CA PHE A 284 -1.41 -5.38 2.69
C PHE A 284 -1.81 -5.90 4.06
N ASP A 285 -0.88 -5.91 5.00
CA ASP A 285 -1.12 -6.47 6.33
C ASP A 285 -1.74 -5.41 7.24
N VAL A 286 -3.04 -5.25 7.08
CA VAL A 286 -3.76 -4.18 7.73
C VAL A 286 -3.77 -4.41 9.25
N PRO A 287 -4.02 -5.65 9.70
CA PRO A 287 -4.02 -5.90 11.15
C PRO A 287 -2.71 -5.58 11.83
N LEU A 288 -1.61 -5.88 11.18
CA LEU A 288 -0.32 -5.57 11.75
C LEU A 288 -0.15 -4.06 11.92
N HIS A 289 -0.57 -3.28 10.93
CA HIS A 289 -0.56 -1.84 11.05
C HIS A 289 -1.31 -1.35 12.29
N TYR A 290 -2.50 -1.89 12.54
CA TYR A 290 -3.32 -1.52 13.68
C TYR A 290 -2.69 -1.93 15.01
N GLN A 291 -2.00 -3.07 15.04
CA GLN A 291 -1.20 -3.42 16.22
C GLN A 291 -0.08 -2.41 16.47
N PHE A 292 0.64 -2.02 15.42
CA PHE A 292 1.66 -0.98 15.58
C PHE A 292 1.03 0.31 16.13
N HIS A 293 -0.13 0.67 15.60
CA HIS A 293 -0.79 1.85 16.04
C HIS A 293 -1.16 1.70 17.51
N ALA A 294 -1.75 0.55 17.88
CA ALA A 294 -2.13 0.35 19.29
C ALA A 294 -0.90 0.44 20.21
N ALA A 295 0.18 -0.26 19.86
CA ALA A 295 1.39 -0.28 20.70
C ALA A 295 1.93 1.14 20.86
N SER A 296 1.92 1.91 19.76
CA SER A 296 2.43 3.28 19.75
C SER A 296 1.63 4.27 20.60
N THR A 297 0.36 3.98 20.86
CA THR A 297 -0.51 4.88 21.65
C THR A 297 -0.80 4.41 23.08
N GLN A 298 -0.25 3.28 23.52
CA GLN A 298 -0.55 2.74 24.85
C GLN A 298 0.55 2.86 25.90
N GLY A 299 1.62 3.57 25.58
CA GLY A 299 2.59 3.99 26.61
C GLY A 299 3.27 2.88 27.41
N GLY A 300 3.52 1.72 26.81
CA GLY A 300 4.04 0.57 27.54
C GLY A 300 3.00 -0.45 27.93
N GLY A 301 1.72 -0.07 27.90
CA GLY A 301 0.64 -0.96 28.30
C GLY A 301 0.29 -2.07 27.33
N TYR A 302 0.77 -1.99 26.09
CA TYR A 302 0.48 -3.01 25.10
C TYR A 302 1.29 -4.25 25.42
N ASP A 303 0.70 -5.41 25.23
CA ASP A 303 1.43 -6.66 25.35
C ASP A 303 2.07 -6.95 24.00
N MET A 304 3.38 -6.72 23.94
CA MET A 304 4.14 -6.82 22.70
C MET A 304 4.14 -8.21 22.11
N ARG A 305 3.83 -9.22 22.92
CA ARG A 305 3.69 -10.58 22.44
C ARG A 305 2.58 -10.72 21.44
N LYS A 306 1.61 -9.80 21.46
CA LYS A 306 0.51 -9.85 20.49
C LYS A 306 0.91 -9.67 19.03
N LEU A 307 2.08 -9.07 18.80
CA LEU A 307 2.56 -8.81 17.42
C LEU A 307 2.72 -10.09 16.60
N LEU A 308 2.88 -11.23 17.24
CA LEU A 308 3.01 -12.51 16.53
C LEU A 308 1.71 -13.12 16.06
N ASN A 309 0.56 -12.57 16.45
CA ASN A 309 -0.75 -13.21 16.11
C ASN A 309 -1.72 -12.26 15.47
N GLY A 310 -2.67 -12.83 14.73
CA GLY A 310 -3.80 -12.08 14.20
C GLY A 310 -3.45 -11.22 13.01
N THR A 311 -2.28 -11.44 12.42
CA THR A 311 -1.82 -10.65 11.27
C THR A 311 -1.78 -11.51 10.04
N VAL A 312 -1.81 -10.88 8.87
CA VAL A 312 -1.63 -11.63 7.61
C VAL A 312 -0.28 -12.34 7.57
N VAL A 313 0.78 -11.65 8.02
CA VAL A 313 2.14 -12.18 7.91
C VAL A 313 2.27 -13.40 8.83
N SER A 314 1.54 -13.41 9.95
CA SER A 314 1.61 -14.57 10.86
C SER A 314 1.06 -15.86 10.24
N LYS A 315 0.10 -15.77 9.32
CA LYS A 315 -0.53 -16.97 8.71
C LYS A 315 -0.27 -17.15 7.21
N HIS A 316 -0.05 -16.08 6.47
CA HIS A 316 0.15 -16.16 5.01
C HIS A 316 1.31 -15.24 4.64
N PRO A 317 2.50 -15.54 5.15
CA PRO A 317 3.62 -14.63 4.93
C PRO A 317 3.99 -14.39 3.46
N VAL A 318 3.71 -15.37 2.60
CA VAL A 318 4.03 -15.28 1.18
C VAL A 318 3.02 -14.36 0.48
N LYS A 319 1.92 -14.06 1.15
CA LYS A 319 0.92 -13.20 0.58
C LYS A 319 0.70 -11.92 1.37
N ALA A 320 1.68 -11.52 2.20
CA ALA A 320 1.56 -10.31 2.98
C ALA A 320 2.54 -9.26 2.52
N VAL A 321 2.04 -8.05 2.34
CA VAL A 321 2.93 -6.92 2.25
C VAL A 321 2.74 -6.16 3.55
N THR A 322 3.80 -6.12 4.35
CA THR A 322 3.80 -5.48 5.64
C THR A 322 4.16 -4.02 5.50
N PHE A 323 3.61 -3.19 6.36
CA PHE A 323 3.85 -1.76 6.36
C PHE A 323 3.56 -1.13 7.71
N VAL A 324 4.01 0.12 7.88
CA VAL A 324 3.83 0.84 9.12
C VAL A 324 2.73 1.87 8.95
N ASP A 325 2.87 2.73 7.95
CA ASP A 325 1.83 3.73 7.64
C ASP A 325 1.72 3.89 6.12
N ASN A 326 0.59 4.43 5.68
CA ASN A 326 0.39 4.76 4.28
C ASN A 326 -0.38 6.09 4.14
N HIS A 327 -0.71 6.43 2.91
CA HIS A 327 -1.45 7.68 2.59
C HIS A 327 -2.88 7.78 3.15
N ASP A 328 -3.49 6.65 3.50
CA ASP A 328 -4.76 6.67 4.19
C ASP A 328 -4.65 6.75 5.71
N THR A 329 -3.55 6.27 6.30
CA THR A 329 -3.40 6.23 7.77
C THR A 329 -2.63 7.43 8.30
N GLN A 330 -1.99 8.17 7.40
CA GLN A 330 -1.27 9.37 7.80
C GLN A 330 -2.18 10.47 8.40
N PRO A 331 -1.61 11.41 9.19
CA PRO A 331 -2.43 12.40 9.87
C PRO A 331 -3.33 13.20 8.93
N GLY A 332 -4.59 13.35 9.32
CA GLY A 332 -5.58 14.05 8.52
C GLY A 332 -6.42 13.21 7.60
N GLN A 333 -5.97 11.98 7.28
CA GLN A 333 -6.58 11.21 6.22
C GLN A 333 -7.66 10.23 6.69
N SER A 334 -8.32 9.60 5.70
CA SER A 334 -9.64 8.98 5.88
C SER A 334 -9.60 7.76 6.80
N LEU A 335 -8.44 7.09 6.88
CA LEU A 335 -8.27 5.91 7.73
C LEU A 335 -7.19 6.19 8.80
N GLU A 336 -7.15 7.45 9.25
CA GLU A 336 -6.13 7.93 10.16
C GLU A 336 -5.95 6.99 11.36
N SER A 337 -4.72 6.51 11.52
CA SER A 337 -4.35 5.60 12.62
C SER A 337 -2.83 5.57 12.59
N THR A 338 -2.24 6.73 12.78
CA THR A 338 -0.82 6.92 12.56
C THR A 338 -0.01 6.23 13.68
N VAL A 339 1.01 5.49 13.28
CA VAL A 339 1.94 4.89 14.23
C VAL A 339 2.82 6.05 14.73
N GLN A 340 2.71 6.33 16.03
CA GLN A 340 3.37 7.47 16.65
C GLN A 340 4.88 7.45 16.42
N THR A 341 5.42 8.63 16.18
CA THR A 341 6.85 8.84 15.86
C THR A 341 7.83 8.01 16.68
N TRP A 342 7.64 7.97 18.00
CA TRP A 342 8.61 7.31 18.90
C TRP A 342 8.68 5.81 18.62
N PHE A 343 7.55 5.20 18.28
CA PHE A 343 7.47 3.76 18.03
C PHE A 343 7.82 3.40 16.60
N LYS A 344 7.79 4.36 15.71
CA LYS A 344 7.88 4.08 14.28
C LYS A 344 9.16 3.30 13.89
N PRO A 345 10.33 3.67 14.43
CA PRO A 345 11.49 2.84 14.10
C PRO A 345 11.39 1.40 14.56
N LEU A 346 10.72 1.16 15.68
CA LEU A 346 10.57 -0.21 16.20
C LEU A 346 9.71 -1.03 15.24
N ALA A 347 8.66 -0.39 14.70
CA ALA A 347 7.77 -1.02 13.72
C ALA A 347 8.52 -1.34 12.44
N TYR A 348 9.35 -0.39 12.01
CA TYR A 348 10.20 -0.64 10.86
C TYR A 348 11.19 -1.81 11.07
N ALA A 349 11.77 -1.94 12.27
CA ALA A 349 12.62 -3.11 12.56
C ALA A 349 11.84 -4.44 12.43
N PHE A 350 10.64 -4.46 13.01
CA PHE A 350 9.78 -5.63 12.92
C PHE A 350 9.50 -6.05 11.46
N ILE A 351 9.18 -5.10 10.59
CA ILE A 351 8.90 -5.48 9.22
C ILE A 351 10.11 -5.74 8.36
N LEU A 352 11.19 -5.01 8.63
CA LEU A 352 12.37 -5.06 7.75
C LEU A 352 13.35 -6.17 8.12
N THR A 353 13.45 -6.53 9.39
CA THR A 353 14.50 -7.48 9.80
C THR A 353 14.01 -8.89 10.07
N ARG A 354 12.71 -9.12 10.10
CA ARG A 354 12.16 -10.45 10.28
C ARG A 354 11.94 -11.09 8.89
N GLU A 355 11.99 -12.41 8.85
CA GLU A 355 12.01 -13.18 7.62
C GLU A 355 10.67 -13.20 6.89
N ALA A 356 9.58 -13.07 7.63
CA ALA A 356 8.24 -13.23 7.06
C ALA A 356 7.75 -11.91 6.44
N GLY A 357 7.08 -12.02 5.30
CA GLY A 357 6.45 -10.89 4.64
C GLY A 357 7.36 -10.12 3.70
N TYR A 358 6.73 -9.32 2.86
CA TYR A 358 7.37 -8.45 1.88
C TYR A 358 7.16 -7.06 2.45
N PRO A 359 8.23 -6.43 3.00
CA PRO A 359 7.99 -5.15 3.67
C PRO A 359 7.98 -3.93 2.76
N GLN A 360 7.23 -2.92 3.19
CA GLN A 360 7.14 -1.68 2.47
C GLN A 360 7.41 -0.48 3.37
N ILE A 361 8.23 0.41 2.87
CA ILE A 361 8.54 1.68 3.47
C ILE A 361 7.69 2.80 2.86
N PHE A 362 7.32 3.76 3.69
CA PHE A 362 6.42 4.82 3.31
C PHE A 362 7.19 6.09 3.08
N TYR A 363 6.96 6.69 1.91
CA TYR A 363 7.54 7.99 1.56
C TYR A 363 7.33 9.03 2.66
N GLY A 364 6.12 9.08 3.19
CA GLY A 364 5.78 9.98 4.28
C GLY A 364 6.61 9.80 5.53
N ASP A 365 7.00 8.56 5.83
CA ASP A 365 7.92 8.28 6.95
C ASP A 365 9.35 8.69 6.65
N MET A 366 9.83 8.45 5.43
CA MET A 366 11.19 8.81 5.05
C MET A 366 11.38 10.32 5.03
N TYR A 367 10.49 11.01 4.32
CA TYR A 367 10.66 12.41 4.01
C TYR A 367 9.71 13.34 4.77
N GLY A 368 8.81 12.77 5.56
CA GLY A 368 7.83 13.55 6.27
C GLY A 368 6.64 13.81 5.39
N THR A 369 5.55 14.20 6.03
CA THR A 369 4.33 14.54 5.32
C THR A 369 4.16 16.05 5.30
N LYS A 370 3.52 16.59 4.26
CA LYS A 370 3.40 18.04 4.09
C LYS A 370 1.97 18.55 4.17
N GLY A 371 1.16 17.95 5.04
CA GLY A 371 -0.15 18.51 5.33
C GLY A 371 0.03 19.85 6.03
N ALA A 372 -1.09 20.47 6.36
CA ALA A 372 -1.12 21.80 6.92
C ALA A 372 -1.22 21.78 8.46
N SER A 373 -1.17 20.59 9.06
CA SER A 373 -1.28 20.47 10.52
C SER A 373 0.08 20.59 11.20
N GLN A 374 0.04 20.60 12.54
CA GLN A 374 1.20 20.45 13.40
C GLN A 374 1.31 19.01 13.94
N ARG A 375 0.66 18.07 13.26
CA ARG A 375 0.68 16.63 13.62
C ARG A 375 1.33 15.80 12.50
N GLU A 376 1.97 16.46 11.56
CA GLU A 376 2.56 15.75 10.41
C GLU A 376 3.65 14.81 10.90
N ILE A 377 3.88 13.77 10.08
CA ILE A 377 4.94 12.81 10.34
C ILE A 377 6.21 13.56 10.00
N PRO A 378 7.17 13.62 10.94
CA PRO A 378 8.47 14.24 10.62
C PRO A 378 9.29 13.31 9.73
N ALA A 379 10.29 13.85 9.01
CA ALA A 379 11.18 13.02 8.21
C ALA A 379 11.99 12.09 9.12
N LEU A 380 11.87 10.78 8.93
CA LEU A 380 12.58 9.82 9.76
C LEU A 380 13.62 9.00 8.98
N LYS A 381 13.92 9.44 7.76
CA LYS A 381 14.96 8.88 6.91
C LYS A 381 16.24 8.41 7.66
N HIS A 382 16.79 9.24 8.54
CA HIS A 382 18.01 8.87 9.25
C HIS A 382 17.84 7.79 10.30
N LYS A 383 16.66 7.67 10.86
CA LYS A 383 16.37 6.60 11.79
C LYS A 383 16.01 5.28 11.05
N ILE A 384 15.52 5.39 9.83
CA ILE A 384 15.07 4.22 9.03
C ILE A 384 16.24 3.64 8.22
N GLU A 385 17.14 4.49 7.73
CA GLU A 385 18.31 4.05 6.95
C GLU A 385 19.11 2.89 7.55
N PRO A 386 19.47 2.97 8.83
CA PRO A 386 20.19 1.84 9.46
C PRO A 386 19.44 0.51 9.47
N ILE A 387 18.12 0.59 9.61
CA ILE A 387 17.24 -0.58 9.64
C ILE A 387 17.13 -1.17 8.21
N LEU A 388 17.03 -0.31 7.21
CA LEU A 388 17.12 -0.75 5.82
C LEU A 388 18.45 -1.44 5.51
N LYS A 389 19.54 -0.83 5.95
CA LYS A 389 20.83 -1.46 5.84
C LYS A 389 20.88 -2.83 6.55
N ALA A 390 20.33 -2.92 7.75
CA ALA A 390 20.23 -4.22 8.43
C ALA A 390 19.52 -5.26 7.55
N ARG A 391 18.42 -4.85 6.94
CA ARG A 391 17.72 -5.76 6.03
C ARG A 391 18.55 -6.14 4.82
N LYS A 392 19.13 -5.13 4.17
CA LYS A 392 19.84 -5.37 2.94
C LYS A 392 21.05 -6.27 3.13
N GLN A 393 21.81 -6.04 4.20
CA GLN A 393 23.11 -6.67 4.38
C GLN A 393 23.14 -7.79 5.42
N TYR A 394 22.22 -7.80 6.40
CA TYR A 394 22.34 -8.64 7.60
C TYR A 394 21.21 -9.58 7.91
N ALA A 395 19.99 -9.27 7.47
CA ALA A 395 18.78 -10.04 7.82
C ALA A 395 18.58 -11.26 6.93
N TYR A 396 19.44 -12.27 7.18
CA TYR A 396 19.47 -13.52 6.43
C TYR A 396 19.67 -14.71 7.37
N GLY A 397 19.20 -15.88 6.93
CA GLY A 397 19.31 -17.12 7.67
C GLY A 397 18.28 -17.35 8.75
N ALA A 398 18.45 -18.43 9.48
CA ALA A 398 17.47 -18.94 10.41
C ALA A 398 17.14 -17.88 11.47
N GLN A 399 15.86 -17.79 11.79
CA GLN A 399 15.36 -16.82 12.73
C GLN A 399 15.01 -17.46 14.07
N HIS A 400 15.29 -16.77 15.17
CA HIS A 400 14.87 -17.20 16.52
C HIS A 400 14.09 -16.08 17.19
N ASP A 401 12.89 -16.37 17.69
CA ASP A 401 11.99 -15.36 18.25
C ASP A 401 12.06 -15.36 19.77
N TYR A 402 11.97 -14.19 20.37
CA TYR A 402 11.99 -14.00 21.81
C TYR A 402 10.89 -13.03 22.19
N PHE A 403 9.64 -13.49 22.03
CA PHE A 403 8.47 -12.73 22.42
C PHE A 403 7.98 -13.33 23.72
N ASP A 404 8.70 -12.99 24.79
CA ASP A 404 8.62 -13.70 26.07
C ASP A 404 8.42 -12.69 27.22
N HIS A 405 7.88 -11.52 26.88
CA HIS A 405 7.89 -10.39 27.80
C HIS A 405 6.89 -9.38 27.23
N HIS A 406 6.21 -8.71 28.15
CA HIS A 406 5.19 -7.71 27.87
C HIS A 406 5.73 -6.52 27.08
N ASN A 407 7.00 -6.16 27.33
CA ASN A 407 7.60 -4.97 26.73
C ASN A 407 8.78 -5.27 25.81
N ILE A 408 9.80 -5.94 26.32
CA ILE A 408 11.03 -6.17 25.58
C ILE A 408 10.89 -7.44 24.80
N VAL A 409 10.84 -7.34 23.47
CA VAL A 409 10.81 -8.53 22.60
C VAL A 409 11.93 -8.42 21.57
N GLY A 410 12.34 -9.55 21.04
CA GLY A 410 13.44 -9.58 20.12
C GLY A 410 13.44 -10.77 19.22
N TRP A 411 14.40 -10.76 18.32
CA TRP A 411 14.60 -11.87 17.39
C TRP A 411 16.03 -11.79 16.86
N THR A 412 16.53 -12.93 16.41
CA THR A 412 17.84 -13.03 15.82
C THR A 412 17.74 -13.64 14.44
N ARG A 413 18.78 -13.40 13.66
CA ARG A 413 18.96 -14.05 12.37
C ARG A 413 20.40 -14.57 12.39
N GLU A 414 20.57 -15.86 12.08
CA GLU A 414 21.87 -16.50 12.15
C GLU A 414 22.88 -16.04 11.10
N GLY A 415 22.41 -15.42 10.02
CA GLY A 415 23.25 -15.11 8.86
C GLY A 415 23.16 -16.27 7.88
N ASP A 416 23.49 -16.03 6.63
CA ASP A 416 23.58 -17.08 5.60
C ASP A 416 24.94 -16.98 4.93
N SER A 417 25.52 -18.12 4.58
CA SER A 417 26.87 -18.11 4.02
C SER A 417 26.89 -17.44 2.64
N SER A 418 25.75 -17.37 1.98
CA SER A 418 25.65 -16.58 0.75
C SER A 418 25.78 -15.05 0.90
N VAL A 419 25.57 -14.51 2.11
CA VAL A 419 25.73 -13.07 2.35
C VAL A 419 26.78 -12.92 3.43
N ALA A 420 27.93 -12.39 3.06
CA ALA A 420 29.09 -12.35 3.94
C ALA A 420 28.82 -11.46 5.16
N ASN A 421 29.15 -12.00 6.34
CA ASN A 421 29.00 -11.30 7.61
C ASN A 421 27.56 -11.03 8.01
N SER A 422 26.61 -11.75 7.41
CA SER A 422 25.20 -11.55 7.74
C SER A 422 24.90 -12.17 9.10
N GLY A 423 23.77 -11.79 9.66
CA GLY A 423 23.37 -12.17 11.01
C GLY A 423 22.98 -10.92 11.76
N LEU A 424 21.91 -10.99 12.53
CA LEU A 424 21.56 -9.87 13.43
C LEU A 424 20.84 -10.28 14.67
N ALA A 425 20.81 -9.37 15.63
CA ALA A 425 20.05 -9.53 16.86
C ALA A 425 19.28 -8.25 17.12
N ALA A 426 17.95 -8.33 17.05
CA ALA A 426 17.11 -7.15 17.18
C ALA A 426 16.37 -7.17 18.51
N LEU A 427 16.26 -6.00 19.12
CA LEU A 427 15.44 -5.81 20.31
C LEU A 427 14.62 -4.55 20.15
N ILE A 428 13.32 -4.66 20.46
CA ILE A 428 12.43 -3.49 20.59
C ILE A 428 11.71 -3.55 21.93
N THR A 429 11.40 -2.37 22.45
CA THR A 429 10.59 -2.28 23.65
C THR A 429 9.66 -1.06 23.59
N ASP A 430 8.38 -1.29 23.95
CA ASP A 430 7.44 -0.17 24.13
C ASP A 430 7.47 0.42 25.52
N GLY A 431 8.32 -0.10 26.40
CA GLY A 431 8.39 0.35 27.77
C GLY A 431 9.82 0.52 28.20
N PRO A 432 10.13 0.23 29.48
CA PRO A 432 11.53 0.30 29.92
C PRO A 432 12.47 -0.63 29.13
N GLY A 433 13.71 -0.18 29.03
CA GLY A 433 14.75 -0.96 28.40
C GLY A 433 15.27 -2.01 29.34
N GLY A 434 16.32 -2.68 28.88
CA GLY A 434 16.91 -3.79 29.63
C GLY A 434 17.75 -4.65 28.71
N THR A 435 17.88 -5.91 29.09
CA THR A 435 18.72 -6.84 28.34
C THR A 435 17.98 -8.11 28.02
N LYS A 436 18.42 -8.78 26.97
CA LYS A 436 17.95 -10.09 26.65
C LYS A 436 19.10 -10.89 26.08
N ARG A 437 19.28 -12.10 26.61
CA ARG A 437 20.24 -13.05 26.06
C ARG A 437 19.56 -13.77 24.93
N MET A 438 20.17 -13.75 23.74
CA MET A 438 19.59 -14.39 22.56
C MET A 438 20.64 -15.19 21.78
N TYR A 439 20.17 -16.30 21.17
CA TYR A 439 21.00 -17.19 20.36
C TYR A 439 21.10 -16.70 18.92
N VAL A 440 22.32 -16.46 18.45
CA VAL A 440 22.54 -16.00 17.08
C VAL A 440 23.22 -17.04 16.18
N GLY A 441 23.47 -18.24 16.72
CA GLY A 441 24.12 -19.30 15.96
C GLY A 441 25.54 -19.52 16.45
N ARG A 442 25.88 -20.77 16.79
CA ARG A 442 27.27 -21.15 17.12
C ARG A 442 28.29 -20.74 16.05
N GLN A 443 27.89 -20.72 14.79
CA GLN A 443 28.78 -20.27 13.71
C GLN A 443 29.25 -18.82 13.84
N ASN A 444 28.61 -18.04 14.71
CA ASN A 444 28.97 -16.66 14.97
C ASN A 444 29.79 -16.49 16.26
N ALA A 445 30.14 -17.61 16.92
CA ALA A 445 30.86 -17.58 18.18
C ALA A 445 32.14 -16.73 18.07
N GLY A 446 32.35 -15.85 19.04
CA GLY A 446 33.54 -14.99 19.10
C GLY A 446 33.52 -13.72 18.26
N GLU A 447 32.46 -13.50 17.47
CA GLU A 447 32.38 -12.27 16.70
C GLU A 447 31.99 -11.14 17.64
N THR A 448 32.32 -9.92 17.23
CA THR A 448 32.02 -8.72 17.98
C THR A 448 30.97 -7.94 17.20
N TRP A 449 29.82 -7.75 17.84
CA TRP A 449 28.66 -7.13 17.22
C TRP A 449 28.38 -5.77 17.84
N HIS A 450 27.81 -4.87 17.05
CA HIS A 450 27.55 -3.50 17.47
C HIS A 450 26.15 -3.08 16.95
N ASP A 451 25.54 -2.10 17.61
CA ASP A 451 24.19 -1.68 17.28
C ASP A 451 24.22 -0.78 16.04
N ILE A 452 23.77 -1.29 14.90
CA ILE A 452 23.75 -0.53 13.64
C ILE A 452 22.91 0.76 13.68
N THR A 453 21.94 0.85 14.59
CA THR A 453 21.17 2.11 14.77
C THR A 453 21.96 3.20 15.54
N GLY A 454 23.01 2.82 16.24
CA GLY A 454 23.79 3.73 17.07
C GLY A 454 23.07 4.08 18.36
N ASN A 455 21.94 3.45 18.67
CA ASN A 455 21.19 3.79 19.88
C ASN A 455 21.97 3.35 21.11
N ARG A 456 22.60 2.17 21.03
CA ARG A 456 23.47 1.65 22.09
C ARG A 456 24.90 1.65 21.59
N SER A 457 25.84 2.09 22.42
CA SER A 457 27.22 2.20 22.00
C SER A 457 28.07 0.97 22.41
N ASP A 458 27.46 -0.01 23.07
CA ASP A 458 28.24 -1.16 23.58
C ASP A 458 28.39 -2.21 22.49
N SER A 459 29.52 -2.91 22.54
CA SER A 459 29.78 -4.06 21.67
C SER A 459 29.41 -5.30 22.45
N VAL A 460 28.97 -6.32 21.71
CA VAL A 460 28.57 -7.58 22.30
C VAL A 460 29.40 -8.66 21.64
N VAL A 461 30.11 -9.44 22.44
CA VAL A 461 30.92 -10.54 21.89
C VAL A 461 30.09 -11.80 22.07
N ILE A 462 29.92 -12.53 20.98
CA ILE A 462 29.09 -13.73 20.98
C ILE A 462 29.88 -14.84 21.66
N ASN A 463 29.27 -15.57 22.60
CA ASN A 463 29.98 -16.61 23.34
C ASN A 463 30.15 -17.90 22.52
N ALA A 464 30.87 -18.86 23.07
CA ALA A 464 31.17 -20.12 22.36
C ALA A 464 29.92 -20.91 21.97
N GLU A 465 28.86 -20.75 22.76
CA GLU A 465 27.59 -21.45 22.60
C GLU A 465 26.64 -20.70 21.65
N GLY A 466 27.11 -19.58 21.06
CA GLY A 466 26.31 -18.78 20.13
C GLY A 466 25.33 -17.78 20.73
N TRP A 467 25.47 -17.46 22.01
CA TRP A 467 24.59 -16.50 22.68
C TRP A 467 25.28 -15.17 22.91
N GLY A 468 24.52 -14.11 22.83
CA GLY A 468 25.03 -12.79 23.25
C GLY A 468 24.06 -12.15 24.22
N GLU A 469 24.58 -11.22 25.01
CA GLU A 469 23.76 -10.40 25.91
C GLU A 469 23.51 -9.03 25.30
N PHE A 470 22.30 -8.84 24.81
CA PHE A 470 21.94 -7.66 24.04
C PHE A 470 21.15 -6.67 24.90
N HIS A 471 21.36 -5.38 24.63
CA HIS A 471 20.73 -4.30 25.36
C HIS A 471 19.83 -3.46 24.47
N VAL A 472 18.80 -2.89 25.07
CA VAL A 472 17.90 -1.93 24.39
C VAL A 472 17.57 -0.82 25.39
N ASN A 473 17.52 0.42 24.91
CA ASN A 473 17.06 1.55 25.74
C ASN A 473 15.53 1.61 25.83
N GLY A 474 15.06 2.42 26.78
CA GLY A 474 13.64 2.61 26.97
C GLY A 474 12.99 3.11 25.69
N GLY A 475 11.87 2.49 25.33
CA GLY A 475 11.09 2.93 24.15
C GLY A 475 11.86 2.96 22.84
N SER A 476 12.75 2.00 22.67
CA SER A 476 13.77 2.09 21.62
C SER A 476 13.91 0.78 20.89
N VAL A 477 14.84 0.80 19.94
CA VAL A 477 15.23 -0.36 19.14
C VAL A 477 16.75 -0.42 19.06
N SER A 478 17.30 -1.64 19.11
CA SER A 478 18.70 -1.86 18.80
C SER A 478 18.77 -3.08 17.88
N ILE A 479 19.67 -2.99 16.90
CA ILE A 479 19.89 -4.08 15.97
C ILE A 479 21.38 -4.33 15.90
N TYR A 480 21.84 -5.40 16.56
CA TYR A 480 23.25 -5.71 16.59
C TYR A 480 23.64 -6.55 15.40
N VAL A 481 24.79 -6.22 14.81
CA VAL A 481 25.33 -6.90 13.66
C VAL A 481 26.84 -6.95 13.82
N GLN A 482 27.50 -7.79 13.03
CA GLN A 482 28.94 -7.93 13.10
C GLN A 482 29.65 -6.64 12.64
N ARG A 483 30.55 -6.14 13.50
CA ARG A 483 31.47 -5.03 13.16
C ARG A 483 32.31 -5.38 11.93
C1 GLC B . 4.25 -24.38 -2.75
C2 GLC B . 3.29 -24.63 -1.57
C3 GLC B . 3.80 -23.95 -0.30
C4 GLC B . 5.24 -24.34 0.01
C5 GLC B . 6.14 -24.19 -1.23
C6 GLC B . 7.54 -24.75 -0.99
O2 GLC B . 1.99 -24.14 -1.90
O3 GLC B . 2.94 -24.24 0.81
O4 GLC B . 5.69 -23.45 1.03
O5 GLC B . 5.58 -24.82 -2.40
O6 GLC B . 8.36 -24.48 -2.14
C1 GLC B . 6.04 -23.96 2.32
C2 GLC B . 5.48 -23.03 3.39
C3 GLC B . 6.18 -21.67 3.31
C4 GLC B . 7.69 -21.84 3.44
C5 GLC B . 8.21 -22.82 2.38
C6 GLC B . 9.69 -23.14 2.48
O2 GLC B . 4.06 -22.86 3.23
O3 GLC B . 5.66 -20.77 4.31
O4 GLC B . 8.30 -20.55 3.27
O5 GLC B . 7.48 -24.06 2.46
O6 GLC B . 10.22 -23.22 1.16
C1 GLC B . 9.29 -20.14 4.20
C2 GLC B . 8.73 -19.05 5.12
C3 GLC B . 8.42 -17.78 4.32
C4 GLC B . 9.60 -17.38 3.46
C5 GLC B . 10.17 -18.55 2.65
C6 GLC B . 11.44 -18.25 1.87
O2 GLC B . 7.53 -19.47 5.78
O3 GLC B . 8.14 -16.73 5.26
O4 GLC B . 9.13 -16.35 2.60
O5 GLC B . 10.45 -19.67 3.50
O6 GLC B . 12.29 -17.38 2.60
C1 GLC B . 9.62 -15.02 2.84
C2 GLC B . 8.46 -14.01 2.90
C3 GLC B . 7.77 -13.87 1.56
C4 GLC B . 8.78 -13.56 0.47
C5 GLC B . 9.89 -14.63 0.49
C6 GLC B . 10.97 -14.49 -0.57
O2 GLC B . 7.51 -14.42 3.87
O3 GLC B . 6.74 -12.86 1.60
O4 GLC B . 8.04 -13.63 -0.73
O5 GLC B . 10.51 -14.65 1.79
O6 GLC B . 11.82 -13.40 -0.26
C1 GLC B . 8.07 -12.57 -1.67
C2 GLC B . 6.63 -12.15 -1.94
C3 GLC B . 5.85 -13.33 -2.53
C4 GLC B . 6.57 -13.87 -3.77
C5 GLC B . 8.02 -14.23 -3.39
C6 GLC B . 8.88 -14.79 -4.52
O2 GLC B . 6.03 -11.74 -0.71
O3 GLC B . 4.49 -12.98 -2.83
O4 GLC B . 5.88 -15.02 -4.21
O5 GLC B . 8.65 -13.06 -2.89
O6 GLC B . 8.84 -13.87 -5.61
C1 GLC B . 5.40 -15.06 -5.56
C2 GLC B . 3.93 -15.46 -5.57
C3 GLC B . 3.76 -16.88 -5.04
C4 GLC B . 4.62 -17.84 -5.87
C5 GLC B . 6.07 -17.36 -5.76
C6 GLC B . 7.09 -18.26 -6.48
O2 GLC B . 3.19 -14.54 -4.76
O3 GLC B . 2.38 -17.27 -5.06
O4 GLC B . 4.49 -19.16 -5.33
O5 GLC B . 6.15 -16.03 -6.29
O6 GLC B . 6.85 -18.17 -7.89
C1 GLC B . 4.26 -20.27 -6.22
C2 GLC B . 2.92 -20.90 -5.86
C3 GLC B . 2.98 -21.52 -4.46
C4 GLC B . 4.11 -22.53 -4.39
C5 GLC B . 5.42 -21.86 -4.78
C6 GLC B . 6.57 -22.88 -4.72
O2 GLC B . 1.87 -19.92 -5.89
O3 GLC B . 1.73 -22.14 -4.13
O4 GLC B . 4.21 -22.97 -3.04
O5 GLC B . 5.31 -21.23 -6.08
O6 GLC B . 7.56 -22.62 -5.72
CA CA C . -17.64 -0.90 -6.31
CA CA D . -23.76 -4.37 -10.71
NA NA E . -20.53 -1.97 -8.81
NA NA F . 4.26 -3.36 26.63
C1 MLI G . -11.91 2.56 0.99
C2 MLI G . -12.61 2.41 2.32
C3 MLI G . -10.83 1.50 0.83
O6 MLI G . -13.25 1.37 2.57
O7 MLI G . -12.50 3.34 3.14
O8 MLI G . -11.14 0.32 0.63
O9 MLI G . -9.65 1.88 0.92
#